data_7C5C
#
_entry.id   7C5C
#
_cell.length_a   52.612
_cell.length_b   38.776
_cell.length_c   82.311
_cell.angle_alpha   90.000
_cell.angle_beta   91.143
_cell.angle_gamma   90.000
#
_symmetry.space_group_name_H-M   'P 1 2 1'
#
loop_
_entity.id
_entity.type
_entity.pdbx_description
1 polymer 'Tyrosine--tRNA ligase'
2 non-polymer 1,2-ETHANEDIOL
3 water water
#
_entity_poly.entity_id   1
_entity_poly.type   'polypeptide(L)'
_entity_poly.pdbx_seq_one_letter_code
;MDEFEMIKRNTSEIISEEELREVLKKDEKSAHIGFEPSGKIHLGHYLQIKKMIDLQNAGFDIIISLADLNAYLNQKGELD
EIRKIGDYNKKVFEAMGLKAKYVYGSEFGLDKDYTLNVYRLALKTTLKRARRSMELIAREDENPKVAEVIYPIMQVNNSH
YFGSDVAVGGMEQRKIHMLARELLPKKVVCIHNPVLTGLDGEGKMSSSKGNFIAVDDSPEEIRAKIKKAYCPAGVVEGNP
IMEIAKYFLEYPLTIKRPEKFGGDLTVNSYEELESLFKNKELHPMDLKNAVAEELIKILEPIRKRLLEHHHHHH
;
_entity_poly.pdbx_strand_id   A
#
loop_
_chem_comp.id
_chem_comp.type
_chem_comp.name
_chem_comp.formula
EDO non-polymer 1,2-ETHANEDIOL 'C2 H6 O2'
#
# COMPACT_ATOMS: atom_id res chain seq x y z
N ASP A 2 2.84 -7.19 -22.81
CA ASP A 2 2.10 -6.04 -22.33
C ASP A 2 1.82 -6.14 -20.83
N GLU A 3 1.63 -7.37 -20.35
CA GLU A 3 1.43 -7.58 -18.92
C GLU A 3 2.54 -6.94 -18.11
N PHE A 4 3.78 -7.01 -18.63
CA PHE A 4 4.90 -6.41 -17.92
C PHE A 4 4.68 -4.91 -17.70
N GLU A 5 4.27 -4.19 -18.75
CA GLU A 5 4.09 -2.76 -18.58
C GLU A 5 2.89 -2.44 -17.69
N MET A 6 1.84 -3.26 -17.75
CA MET A 6 0.70 -3.05 -16.89
C MET A 6 1.05 -3.30 -15.42
N ILE A 7 1.92 -4.28 -15.16
CA ILE A 7 2.40 -4.50 -13.80
C ILE A 7 3.31 -3.37 -13.36
N LYS A 8 4.17 -2.90 -14.27
CA LYS A 8 5.14 -1.86 -13.92
C LYS A 8 4.47 -0.50 -13.68
N ARG A 9 3.32 -0.25 -14.29
CA ARG A 9 2.69 1.07 -14.20
C ARG A 9 2.52 1.48 -12.74
N ASN A 10 3.02 2.69 -12.45
CA ASN A 10 2.92 3.35 -11.15
C ASN A 10 3.72 2.65 -10.06
N THR A 11 4.66 1.80 -10.42
CA THR A 11 5.57 1.27 -9.42
C THR A 11 6.83 2.14 -9.35
N SER A 12 7.53 2.03 -8.21
CA SER A 12 8.76 2.77 -7.98
C SER A 12 9.98 1.99 -8.42
N GLU A 13 9.94 0.67 -8.25
CA GLU A 13 11.04 -0.16 -8.74
C GLU A 13 10.59 -1.62 -8.75
N ILE A 14 11.26 -2.40 -9.58
CA ILE A 14 11.07 -3.83 -9.70
C ILE A 14 12.45 -4.46 -9.59
N ILE A 15 12.63 -5.37 -8.64
CA ILE A 15 13.92 -6.03 -8.42
C ILE A 15 13.77 -7.52 -8.77
N SER A 16 14.16 -7.92 -9.98
CA SER A 16 14.55 -7.03 -11.08
C SER A 16 13.59 -7.24 -12.25
N GLU A 17 13.59 -6.31 -13.21
CA GLU A 17 12.69 -6.43 -14.35
C GLU A 17 12.98 -7.67 -15.17
N GLU A 18 14.26 -8.00 -15.34
CA GLU A 18 14.63 -9.19 -16.09
CA GLU A 18 14.64 -9.19 -16.08
C GLU A 18 14.07 -10.44 -15.43
N GLU A 19 14.12 -10.50 -14.09
CA GLU A 19 13.56 -11.64 -13.39
C GLU A 19 12.04 -11.67 -13.49
N LEU A 20 11.39 -10.49 -13.48
CA LEU A 20 9.94 -10.46 -13.64
C LEU A 20 9.51 -11.04 -14.98
N ARG A 21 10.24 -10.70 -16.05
CA ARG A 21 9.87 -11.19 -17.37
C ARG A 21 9.97 -12.71 -17.43
N GLU A 22 10.97 -13.29 -16.75
CA GLU A 22 11.07 -14.73 -16.67
C GLU A 22 9.91 -15.33 -15.89
N VAL A 23 9.48 -14.65 -14.81
CA VAL A 23 8.32 -15.10 -14.05
C VAL A 23 7.07 -15.10 -14.94
N LEU A 24 6.89 -14.06 -15.76
CA LEU A 24 5.70 -13.97 -16.59
C LEU A 24 5.62 -15.10 -17.61
N LYS A 25 6.71 -15.82 -17.85
CA LYS A 25 6.69 -16.97 -18.75
C LYS A 25 6.04 -18.20 -18.12
N LYS A 26 5.90 -18.23 -16.79
CA LYS A 26 5.39 -19.42 -16.13
C LYS A 26 3.89 -19.59 -16.39
N ASP A 27 3.45 -20.85 -16.37
CA ASP A 27 2.03 -21.14 -16.51
C ASP A 27 1.27 -20.71 -15.27
N GLU A 28 1.79 -21.05 -14.09
CA GLU A 28 1.23 -20.62 -12.82
C GLU A 28 2.24 -19.73 -12.10
N LYS A 29 1.77 -18.60 -11.59
CA LYS A 29 2.63 -17.65 -10.90
C LYS A 29 1.88 -17.09 -9.69
N SER A 30 2.65 -16.66 -8.69
CA SER A 30 2.08 -16.26 -7.41
C SER A 30 2.73 -14.99 -6.88
N ALA A 31 1.92 -14.15 -6.25
CA ALA A 31 2.40 -12.96 -5.60
C ALA A 31 1.72 -12.83 -4.24
N HIS A 32 2.41 -12.19 -3.31
CA HIS A 32 1.85 -11.93 -2.00
C HIS A 32 2.25 -10.53 -1.55
N ILE A 33 1.49 -10.02 -0.59
CA ILE A 33 1.83 -8.81 0.13
C ILE A 33 1.34 -8.99 1.55
N GLY A 34 2.05 -8.41 2.50
CA GLY A 34 1.65 -8.42 3.90
C GLY A 34 1.32 -7.03 4.37
N PHE A 35 0.28 -6.94 5.22
CA PHE A 35 -0.07 -5.71 5.91
C PHE A 35 -0.13 -5.99 7.41
N GLU A 36 0.56 -5.17 8.19
CA GLU A 36 0.21 -5.09 9.59
C GLU A 36 -1.22 -4.59 9.67
N PRO A 37 -2.11 -5.28 10.39
CA PRO A 37 -3.49 -4.79 10.48
C PRO A 37 -3.52 -3.35 10.96
N SER A 38 -4.36 -2.55 10.31
CA SER A 38 -4.48 -1.13 10.60
C SER A 38 -5.96 -0.78 10.76
N GLY A 39 -6.28 0.00 11.79
CA GLY A 39 -7.65 0.35 12.05
C GLY A 39 -8.28 1.16 10.93
N LYS A 40 -7.47 1.94 10.22
CA LYS A 40 -7.93 2.64 9.02
C LYS A 40 -7.24 2.03 7.81
N ILE A 41 -8.02 1.75 6.77
CA ILE A 41 -7.49 1.32 5.48
C ILE A 41 -7.63 2.52 4.53
N HIS A 42 -6.50 3.10 4.14
CA HIS A 42 -6.52 4.40 3.47
C HIS A 42 -5.96 4.25 2.05
N LEU A 43 -5.80 5.40 1.37
CA LEU A 43 -5.39 5.37 -0.03
C LEU A 43 -4.03 4.72 -0.22
N GLY A 44 -3.17 4.77 0.80
CA GLY A 44 -1.91 4.06 0.71
C GLY A 44 -2.10 2.56 0.58
N HIS A 45 -2.97 1.97 1.41
CA HIS A 45 -3.33 0.57 1.22
C HIS A 45 -3.96 0.34 -0.14
N TYR A 46 -4.86 1.24 -0.55
CA TYR A 46 -5.57 1.02 -1.80
C TYR A 46 -4.62 1.00 -2.98
N LEU A 47 -3.62 1.88 -2.98
CA LEU A 47 -2.65 1.86 -4.05
C LEU A 47 -2.02 0.48 -4.19
N GLN A 48 -1.65 -0.13 -3.07
CA GLN A 48 -1.01 -1.44 -3.15
C GLN A 48 -1.99 -2.53 -3.55
N ILE A 49 -3.24 -2.44 -3.10
CA ILE A 49 -4.21 -3.45 -3.52
C ILE A 49 -4.48 -3.34 -5.02
N LYS A 50 -4.51 -2.12 -5.55
CA LYS A 50 -4.67 -1.94 -7.00
C LYS A 50 -3.54 -2.64 -7.75
N LYS A 51 -2.33 -2.65 -7.19
CA LYS A 51 -1.23 -3.35 -7.83
C LYS A 51 -1.42 -4.86 -7.74
N MET A 52 -1.96 -5.34 -6.62
CA MET A 52 -2.22 -6.78 -6.52
C MET A 52 -3.29 -7.20 -7.52
N ILE A 53 -4.26 -6.33 -7.79
CA ILE A 53 -5.26 -6.60 -8.82
C ILE A 53 -4.61 -6.61 -10.20
N ASP A 54 -3.65 -5.71 -10.45
CA ASP A 54 -2.91 -5.77 -11.71
C ASP A 54 -2.24 -7.13 -11.86
N LEU A 55 -1.57 -7.60 -10.80
CA LEU A 55 -0.94 -8.92 -10.85
C LEU A 55 -1.97 -10.02 -11.08
N GLN A 56 -3.10 -9.94 -10.38
CA GLN A 56 -4.15 -10.93 -10.58
C GLN A 56 -4.60 -10.99 -12.03
N ASN A 57 -4.80 -9.82 -12.65
CA ASN A 57 -5.23 -9.77 -14.04
C ASN A 57 -4.15 -10.27 -15.00
N ALA A 58 -2.90 -10.33 -14.56
CA ALA A 58 -1.80 -10.92 -15.32
C ALA A 58 -1.65 -12.41 -15.08
N GLY A 59 -2.61 -13.05 -14.42
CA GLY A 59 -2.53 -14.47 -14.18
C GLY A 59 -1.81 -14.90 -12.93
N PHE A 60 -1.62 -13.99 -11.97
CA PHE A 60 -1.02 -14.33 -10.69
C PHE A 60 -2.11 -14.78 -9.70
N ASP A 61 -1.78 -15.82 -8.94
CA ASP A 61 -2.55 -16.14 -7.74
C ASP A 61 -2.07 -15.27 -6.60
N ILE A 62 -3.00 -14.58 -5.93
CA ILE A 62 -2.65 -13.57 -4.93
C ILE A 62 -2.86 -14.14 -3.54
N ILE A 63 -1.89 -13.89 -2.66
CA ILE A 63 -2.03 -14.16 -1.23
C ILE A 63 -1.89 -12.84 -0.49
N ILE A 64 -2.87 -12.53 0.37
CA ILE A 64 -2.77 -11.38 1.26
C ILE A 64 -2.50 -11.89 2.66
N SER A 65 -1.39 -11.47 3.23
CA SER A 65 -0.99 -11.89 4.57
C SER A 65 -1.41 -10.80 5.55
N LEU A 66 -2.30 -11.15 6.47
CA LEU A 66 -2.68 -10.24 7.54
C LEU A 66 -1.65 -10.49 8.65
N ALA A 67 -0.61 -9.66 8.66
CA ALA A 67 0.64 -9.98 9.34
C ALA A 67 0.50 -9.56 10.80
N ASP A 68 -0.38 -10.28 11.49
CA ASP A 68 -0.67 -9.93 12.88
C ASP A 68 0.51 -10.27 13.79
N LEU A 69 1.24 -11.36 13.51
CA LEU A 69 2.42 -11.66 14.31
C LEU A 69 3.49 -10.57 14.15
N ASN A 70 3.67 -10.08 12.93
CA ASN A 70 4.60 -8.97 12.71
C ASN A 70 4.12 -7.70 13.42
N ALA A 71 2.84 -7.38 13.31
CA ALA A 71 2.32 -6.22 14.04
C ALA A 71 2.52 -6.39 15.54
N TYR A 72 2.33 -7.60 16.05
CA TYR A 72 2.62 -7.85 17.46
C TYR A 72 4.06 -7.47 17.80
N LEU A 73 5.02 -7.96 17.00
CA LEU A 73 6.43 -7.62 17.25
C LEU A 73 6.73 -6.15 17.04
N ASN A 74 5.87 -5.43 16.31
CA ASN A 74 6.06 -4.01 16.07
C ASN A 74 5.15 -3.17 16.97
N GLN A 75 4.80 -3.71 18.15
CA GLN A 75 4.19 -2.96 19.25
C GLN A 75 2.80 -2.44 18.93
N LYS A 76 2.03 -3.18 18.11
CA LYS A 76 0.70 -2.75 17.72
C LYS A 76 -0.38 -3.16 18.72
N GLY A 77 0.01 -3.73 19.86
CA GLY A 77 -0.94 -4.08 20.90
C GLY A 77 -0.95 -5.57 21.21
N GLU A 78 -2.04 -6.05 21.81
CA GLU A 78 -2.18 -7.46 22.12
C GLU A 78 -2.54 -8.23 20.86
N LEU A 79 -2.23 -9.53 20.88
CA LEU A 79 -2.39 -10.32 19.67
C LEU A 79 -3.87 -10.51 19.30
N ASP A 80 -4.74 -10.65 20.29
CA ASP A 80 -6.16 -10.88 19.99
C ASP A 80 -6.80 -9.66 19.35
N GLU A 81 -6.47 -8.46 19.83
CA GLU A 81 -7.03 -7.25 19.24
C GLU A 81 -6.46 -7.00 17.85
N ILE A 82 -5.20 -7.36 17.60
CA ILE A 82 -4.63 -7.14 16.28
C ILE A 82 -5.35 -8.01 15.24
N ARG A 83 -5.73 -9.22 15.63
CA ARG A 83 -6.41 -10.11 14.69
C ARG A 83 -7.84 -9.66 14.41
N LYS A 84 -8.48 -8.98 15.37
CA LYS A 84 -9.81 -8.42 15.12
C LYS A 84 -9.73 -7.27 14.11
N ILE A 85 -8.63 -6.51 14.15
CA ILE A 85 -8.42 -5.50 13.11
C ILE A 85 -8.10 -6.17 11.79
N GLY A 86 -7.37 -7.28 11.83
CA GLY A 86 -7.14 -8.06 10.63
C GLY A 86 -8.44 -8.52 9.96
N ASP A 87 -9.39 -9.02 10.76
CA ASP A 87 -10.66 -9.46 10.20
C ASP A 87 -11.33 -8.33 9.43
N TYR A 88 -11.30 -7.13 10.01
CA TYR A 88 -11.89 -5.98 9.34
C TYR A 88 -11.14 -5.65 8.06
N ASN A 89 -9.80 -5.68 8.11
CA ASN A 89 -9.00 -5.38 6.92
C ASN A 89 -9.34 -6.34 5.77
N LYS A 90 -9.49 -7.64 6.07
CA LYS A 90 -9.89 -8.60 5.04
C LYS A 90 -11.18 -8.15 4.36
N LYS A 91 -12.18 -7.74 5.15
CA LYS A 91 -13.43 -7.31 4.56
C LYS A 91 -13.25 -6.11 3.64
N VAL A 92 -12.37 -5.18 4.03
CA VAL A 92 -12.12 -4.00 3.21
C VAL A 92 -11.45 -4.39 1.90
N PHE A 93 -10.43 -5.24 1.98
CA PHE A 93 -9.74 -5.67 0.76
C PHE A 93 -10.70 -6.41 -0.19
N GLU A 94 -11.55 -7.27 0.36
CA GLU A 94 -12.56 -7.91 -0.49
C GLU A 94 -13.49 -6.87 -1.10
N ALA A 95 -13.87 -5.85 -0.33
CA ALA A 95 -14.73 -4.81 -0.88
C ALA A 95 -14.06 -4.01 -2.00
N MET A 96 -12.73 -4.07 -2.10
CA MET A 96 -12.00 -3.33 -3.13
C MET A 96 -11.99 -4.02 -4.48
N GLY A 97 -12.53 -5.22 -4.59
CA GLY A 97 -12.52 -5.97 -5.83
C GLY A 97 -11.45 -7.05 -5.91
N LEU A 98 -10.67 -7.23 -4.85
CA LEU A 98 -9.60 -8.22 -4.86
C LEU A 98 -10.14 -9.57 -4.41
N LYS A 99 -10.16 -10.53 -5.31
CA LYS A 99 -10.38 -11.92 -4.95
C LYS A 99 -9.00 -12.54 -4.72
N ALA A 100 -8.78 -13.05 -3.52
CA ALA A 100 -7.47 -13.57 -3.15
C ALA A 100 -7.65 -14.54 -1.99
N LYS A 101 -6.55 -15.17 -1.60
CA LYS A 101 -6.50 -15.95 -0.37
C LYS A 101 -5.91 -15.07 0.73
N TYR A 102 -6.59 -15.03 1.86
CA TYR A 102 -6.17 -14.23 3.01
C TYR A 102 -5.69 -15.20 4.09
N VAL A 103 -4.49 -14.94 4.61
CA VAL A 103 -3.86 -15.80 5.60
C VAL A 103 -3.38 -14.92 6.75
N TYR A 104 -3.59 -15.39 7.98
CA TYR A 104 -3.05 -14.71 9.15
C TYR A 104 -1.67 -15.24 9.44
N GLY A 105 -0.74 -14.33 9.76
CA GLY A 105 0.61 -14.75 10.10
C GLY A 105 0.68 -15.73 11.24
N SER A 106 -0.26 -15.64 12.18
CA SER A 106 -0.29 -16.55 13.32
C SER A 106 -0.84 -17.94 12.96
N GLU A 107 -1.49 -18.10 11.80
CA GLU A 107 -1.98 -19.42 11.43
C GLU A 107 -0.84 -20.37 11.12
N PHE A 108 0.27 -19.85 10.59
CA PHE A 108 1.44 -20.64 10.27
C PHE A 108 2.69 -20.20 11.02
N GLY A 109 2.72 -18.97 11.53
CA GLY A 109 3.93 -18.35 12.03
C GLY A 109 4.33 -18.76 13.43
N LEU A 110 3.63 -19.73 14.02
CA LEU A 110 4.04 -20.33 15.28
C LEU A 110 4.26 -21.84 15.14
N ASP A 111 4.16 -22.39 13.93
CA ASP A 111 4.43 -23.80 13.71
C ASP A 111 5.88 -24.12 14.02
N LYS A 112 6.13 -25.37 14.44
CA LYS A 112 7.48 -25.74 14.86
C LYS A 112 8.49 -25.56 13.74
N ASP A 113 8.15 -26.02 12.52
CA ASP A 113 9.11 -25.91 11.43
C ASP A 113 9.31 -24.46 11.02
N TYR A 114 8.25 -23.65 11.07
CA TYR A 114 8.40 -22.23 10.79
C TYR A 114 9.35 -21.60 11.80
N THR A 115 9.16 -21.87 13.08
CA THR A 115 9.97 -21.25 14.12
C THR A 115 11.42 -21.70 14.00
N LEU A 116 11.64 -22.96 13.67
CA LEU A 116 13.02 -23.42 13.51
C LEU A 116 13.71 -22.64 12.39
N ASN A 117 12.99 -22.30 11.32
CA ASN A 117 13.63 -21.52 10.26
C ASN A 117 13.84 -20.07 10.66
N VAL A 118 13.00 -19.52 11.55
CA VAL A 118 13.30 -18.22 12.12
C VAL A 118 14.68 -18.25 12.76
N TYR A 119 14.93 -19.28 13.57
CA TYR A 119 16.21 -19.37 14.27
C TYR A 119 17.36 -19.64 13.31
N ARG A 120 17.13 -20.46 12.28
CA ARG A 120 18.16 -20.65 11.25
CA ARG A 120 18.13 -20.65 11.22
C ARG A 120 18.51 -19.33 10.57
N LEU A 121 17.49 -18.55 10.17
CA LEU A 121 17.73 -17.25 9.57
C LEU A 121 18.42 -16.32 10.57
N ALA A 122 18.08 -16.42 11.86
CA ALA A 122 18.73 -15.59 12.87
C ALA A 122 20.22 -15.83 12.90
N LEU A 123 20.66 -17.07 12.63
CA LEU A 123 22.07 -17.40 12.59
C LEU A 123 22.80 -16.76 11.43
N LYS A 124 22.07 -16.35 10.39
CA LYS A 124 22.68 -15.82 9.18
C LYS A 124 22.52 -14.32 9.02
N THR A 125 21.69 -13.68 9.83
CA THR A 125 21.41 -12.26 9.69
C THR A 125 22.19 -11.48 10.74
N THR A 126 23.05 -10.55 10.29
CA THR A 126 23.74 -9.71 11.25
C THR A 126 22.76 -8.78 11.95
N LEU A 127 23.06 -8.47 13.22
CA LEU A 127 22.30 -7.43 13.92
C LEU A 127 22.32 -6.12 13.15
N LYS A 128 23.48 -5.75 12.59
CA LYS A 128 23.59 -4.50 11.86
C LYS A 128 22.64 -4.46 10.67
N ARG A 129 22.57 -5.56 9.91
CA ARG A 129 21.66 -5.60 8.76
C ARG A 129 20.20 -5.61 9.20
N ALA A 130 19.90 -6.36 10.26
CA ALA A 130 18.52 -6.39 10.76
C ALA A 130 18.05 -5.00 11.18
N ARG A 131 18.88 -4.28 11.94
CA ARG A 131 18.46 -2.97 12.43
C ARG A 131 18.32 -1.98 11.29
N ARG A 132 19.28 -1.98 10.35
CA ARG A 132 19.19 -1.07 9.22
C ARG A 132 17.93 -1.32 8.40
N SER A 133 17.50 -2.58 8.29
CA SER A 133 16.30 -2.89 7.50
C SER A 133 15.02 -2.39 8.15
N MET A 134 15.05 -2.07 9.44
CA MET A 134 13.87 -1.59 10.15
C MET A 134 13.84 -0.07 10.30
N GLU A 135 14.79 0.63 9.69
CA GLU A 135 14.89 2.08 9.88
C GLU A 135 13.60 2.80 9.51
N LEU A 136 12.96 2.40 8.41
CA LEU A 136 11.73 3.04 7.96
C LEU A 136 10.47 2.34 8.46
N ILE A 137 10.60 1.40 9.39
CA ILE A 137 9.50 0.50 9.69
C ILE A 137 9.27 0.45 11.19
N ALA A 138 10.36 0.39 11.94
CA ALA A 138 10.28 0.24 13.39
C ALA A 138 9.66 1.46 14.03
N ARG A 139 8.57 1.22 14.76
CA ARG A 139 8.01 2.20 15.70
C ARG A 139 9.12 2.83 16.53
N GLU A 140 9.20 4.15 16.49
CA GLU A 140 10.31 4.86 17.12
C GLU A 140 10.36 4.55 18.62
N ASP A 141 11.58 4.38 19.15
CA ASP A 141 11.75 3.82 20.48
C ASP A 141 13.10 4.23 21.07
N GLU A 142 13.05 4.84 22.26
CA GLU A 142 14.28 5.31 22.90
C GLU A 142 15.12 4.17 23.46
N ASN A 143 14.55 2.98 23.63
CA ASN A 143 15.25 1.83 24.22
C ASN A 143 14.98 0.61 23.35
N PRO A 144 15.61 0.53 22.16
CA PRO A 144 15.21 -0.47 21.17
C PRO A 144 15.24 -1.89 21.71
N LYS A 145 14.23 -2.67 21.32
CA LYS A 145 13.97 -3.99 21.90
C LYS A 145 14.38 -5.08 20.92
N VAL A 146 14.63 -6.28 21.48
CA VAL A 146 15.00 -7.42 20.65
C VAL A 146 13.95 -7.70 19.58
N ALA A 147 12.67 -7.42 19.90
CA ALA A 147 11.62 -7.64 18.89
C ALA A 147 11.92 -6.95 17.57
N GLU A 148 12.68 -5.86 17.61
CA GLU A 148 12.92 -5.06 16.42
C GLU A 148 13.73 -5.84 15.38
N VAL A 149 14.66 -6.70 15.83
CA VAL A 149 15.46 -7.48 14.88
C VAL A 149 14.85 -8.84 14.58
N ILE A 150 13.87 -9.29 15.36
CA ILE A 150 13.15 -10.50 15.01
C ILE A 150 12.18 -10.22 13.86
N TYR A 151 11.53 -9.06 13.88
CA TYR A 151 10.57 -8.65 12.86
C TYR A 151 11.06 -8.91 11.44
N PRO A 152 12.21 -8.38 10.99
CA PRO A 152 12.57 -8.57 9.58
C PRO A 152 12.82 -10.02 9.22
N ILE A 153 13.40 -10.82 10.12
CA ILE A 153 13.58 -12.24 9.83
C ILE A 153 12.24 -12.95 9.74
N MET A 154 11.26 -12.52 10.52
CA MET A 154 9.93 -13.11 10.41
C MET A 154 9.28 -12.75 9.08
N GLN A 155 9.45 -11.50 8.63
CA GLN A 155 8.90 -11.13 7.34
C GLN A 155 9.57 -11.90 6.21
N VAL A 156 10.90 -12.09 6.29
CA VAL A 156 11.61 -12.92 5.31
C VAL A 156 11.06 -14.34 5.33
N ASN A 157 10.88 -14.91 6.53
CA ASN A 157 10.41 -16.27 6.64
C ASN A 157 9.00 -16.43 6.08
N ASN A 158 8.15 -15.40 6.24
CA ASN A 158 6.84 -15.45 5.59
C ASN A 158 6.98 -15.61 4.07
N SER A 159 7.90 -14.87 3.47
CA SER A 159 8.14 -15.02 2.04
CA SER A 159 8.15 -15.01 2.04
C SER A 159 8.55 -16.44 1.70
N HIS A 160 9.39 -17.06 2.52
CA HIS A 160 9.82 -18.43 2.30
C HIS A 160 8.64 -19.39 2.40
N TYR A 161 7.78 -19.17 3.40
CA TYR A 161 6.61 -20.02 3.60
C TYR A 161 5.64 -19.94 2.43
N PHE A 162 5.38 -18.74 1.91
CA PHE A 162 4.47 -18.56 0.80
C PHE A 162 5.05 -19.12 -0.50
N GLY A 163 6.37 -19.08 -0.64
CA GLY A 163 6.99 -19.56 -1.86
C GLY A 163 6.66 -18.75 -3.09
N SER A 164 6.32 -17.47 -2.91
CA SER A 164 5.83 -16.67 -4.03
C SER A 164 6.95 -16.34 -5.02
N ASP A 165 6.54 -16.17 -6.28
CA ASP A 165 7.43 -15.62 -7.29
C ASP A 165 7.71 -14.15 -7.04
N VAL A 166 6.71 -13.42 -6.56
CA VAL A 166 6.74 -11.96 -6.48
C VAL A 166 6.29 -11.55 -5.09
N ALA A 167 7.04 -10.63 -4.48
CA ALA A 167 6.68 -10.00 -3.21
C ALA A 167 6.46 -8.52 -3.45
N VAL A 168 5.33 -8.01 -2.97
CA VAL A 168 4.92 -6.64 -3.23
C VAL A 168 4.95 -5.86 -1.93
N GLY A 169 5.35 -4.61 -2.01
CA GLY A 169 5.24 -3.77 -0.82
C GLY A 169 5.57 -2.34 -1.16
N GLY A 170 5.48 -1.49 -0.13
CA GLY A 170 5.92 -0.12 -0.29
C GLY A 170 7.43 -0.01 -0.33
N MET A 171 7.91 1.13 -0.84
CA MET A 171 9.35 1.37 -0.93
C MET A 171 10.05 1.25 0.42
N GLU A 172 9.34 1.44 1.53
CA GLU A 172 9.96 1.33 2.85
CA GLU A 172 9.96 1.34 2.84
C GLU A 172 10.38 -0.09 3.16
N GLN A 173 9.82 -1.08 2.45
CA GLN A 173 10.12 -2.49 2.63
C GLN A 173 11.36 -2.93 1.87
N ARG A 174 12.01 -2.04 1.11
CA ARG A 174 13.00 -2.50 0.16
C ARG A 174 14.18 -3.17 0.84
N LYS A 175 14.57 -2.72 2.05
CA LYS A 175 15.72 -3.36 2.69
C LYS A 175 15.39 -4.75 3.21
N ILE A 176 14.17 -4.94 3.75
CA ILE A 176 13.75 -6.28 4.16
C ILE A 176 13.68 -7.19 2.94
N HIS A 177 13.17 -6.68 1.82
CA HIS A 177 13.12 -7.50 0.61
C HIS A 177 14.52 -7.83 0.10
N MET A 178 15.46 -6.89 0.23
CA MET A 178 16.83 -7.20 -0.16
C MET A 178 17.40 -8.31 0.72
N LEU A 179 17.07 -8.28 2.01
CA LEU A 179 17.50 -9.36 2.91
CA LEU A 179 17.51 -9.37 2.90
C LEU A 179 16.90 -10.69 2.47
N ALA A 180 15.62 -10.69 2.09
CA ALA A 180 14.98 -11.93 1.64
C ALA A 180 15.65 -12.49 0.39
N ARG A 181 16.09 -11.62 -0.52
CA ARG A 181 16.77 -12.11 -1.71
C ARG A 181 18.13 -12.70 -1.37
N GLU A 182 18.73 -12.30 -0.26
CA GLU A 182 20.02 -12.85 0.16
C GLU A 182 19.89 -14.11 1.01
N LEU A 183 18.80 -14.23 1.78
CA LEU A 183 18.70 -15.25 2.81
C LEU A 183 18.00 -16.53 2.34
N LEU A 184 17.26 -16.48 1.26
CA LEU A 184 16.38 -17.58 0.88
C LEU A 184 16.87 -18.26 -0.39
N PRO A 185 16.61 -19.56 -0.53
CA PRO A 185 17.09 -20.28 -1.73
C PRO A 185 16.46 -19.77 -3.00
N LYS A 186 15.18 -19.39 -2.95
CA LYS A 186 14.49 -18.85 -4.11
C LYS A 186 14.45 -17.34 -3.96
N LYS A 187 15.02 -16.63 -4.93
CA LYS A 187 15.01 -15.17 -4.93
C LYS A 187 13.65 -14.67 -5.36
N VAL A 188 12.95 -13.96 -4.48
CA VAL A 188 11.66 -13.37 -4.84
C VAL A 188 11.90 -12.11 -5.66
N VAL A 189 11.07 -11.95 -6.69
CA VAL A 189 11.01 -10.72 -7.47
C VAL A 189 10.18 -9.73 -6.67
N CYS A 190 10.76 -8.56 -6.39
CA CYS A 190 10.15 -7.58 -5.49
C CYS A 190 9.63 -6.41 -6.30
N ILE A 191 8.37 -6.05 -6.06
CA ILE A 191 7.72 -4.94 -6.74
C ILE A 191 7.39 -3.92 -5.67
N HIS A 192 7.93 -2.71 -5.80
CA HIS A 192 7.78 -1.70 -4.76
C HIS A 192 6.88 -0.57 -5.26
N ASN A 193 5.89 -0.24 -4.47
CA ASN A 193 5.01 0.86 -4.76
C ASN A 193 5.46 2.14 -4.07
N PRO A 194 5.14 3.29 -4.67
CA PRO A 194 5.50 4.57 -4.05
C PRO A 194 4.81 4.75 -2.71
N VAL A 195 5.44 5.53 -1.85
CA VAL A 195 4.89 5.90 -0.56
C VAL A 195 4.06 7.15 -0.78
N LEU A 196 2.78 7.09 -0.42
CA LEU A 196 1.90 8.23 -0.61
C LEU A 196 2.13 9.27 0.48
N THR A 197 2.22 10.53 0.07
CA THR A 197 2.30 11.61 1.04
C THR A 197 0.97 11.75 1.78
N GLY A 198 1.06 11.97 3.10
CA GLY A 198 -0.13 12.25 3.87
C GLY A 198 -0.77 13.59 3.52
N LEU A 199 -2.04 13.72 3.90
CA LEU A 199 -2.75 14.96 3.62
C LEU A 199 -2.11 16.16 4.31
N ASP A 200 -1.47 15.92 5.47
CA ASP A 200 -0.81 17.01 6.18
C ASP A 200 0.39 17.57 5.41
N GLY A 201 0.90 16.84 4.43
CA GLY A 201 2.12 17.27 3.76
C GLY A 201 3.37 17.05 4.58
N GLU A 202 3.31 16.20 5.61
CA GLU A 202 4.45 15.94 6.53
C GLU A 202 4.67 14.44 6.59
N GLY A 203 5.28 13.88 5.57
CA GLY A 203 5.55 12.46 5.59
C GLY A 203 4.38 11.63 5.09
N LYS A 204 4.51 10.32 5.28
CA LYS A 204 3.66 9.35 4.62
C LYS A 204 2.22 9.39 5.13
N MET A 205 1.29 8.93 4.29
CA MET A 205 -0.10 8.82 4.72
C MET A 205 -0.22 7.82 5.86
N SER A 206 -1.02 8.16 6.87
CA SER A 206 -1.11 7.40 8.11
C SER A 206 -2.47 7.69 8.74
N SER A 207 -2.75 6.96 9.82
CA SER A 207 -4.02 7.05 10.51
C SER A 207 -4.14 8.27 11.41
N SER A 208 -3.14 9.14 11.46
CA SER A 208 -3.24 10.30 12.33
C SER A 208 -4.34 11.22 11.83
N LYS A 209 -4.95 11.95 12.76
CA LYS A 209 -6.18 12.70 12.48
C LYS A 209 -6.01 13.65 11.30
N GLY A 210 -6.86 13.48 10.29
CA GLY A 210 -6.87 14.34 9.12
C GLY A 210 -5.80 14.04 8.09
N ASN A 211 -4.89 13.10 8.35
CA ASN A 211 -3.73 12.84 7.50
C ASN A 211 -4.01 11.84 6.38
N PHE A 212 -5.23 11.29 6.31
CA PHE A 212 -5.52 10.16 5.43
C PHE A 212 -6.91 10.33 4.85
N ILE A 213 -7.13 9.72 3.70
CA ILE A 213 -8.47 9.41 3.22
C ILE A 213 -8.65 7.91 3.38
N ALA A 214 -9.59 7.51 4.23
CA ALA A 214 -9.90 6.09 4.36
C ALA A 214 -10.88 5.69 3.26
N VAL A 215 -10.76 4.45 2.79
CA VAL A 215 -11.57 4.05 1.65
C VAL A 215 -13.04 4.00 2.00
N ASP A 216 -13.38 3.89 3.28
CA ASP A 216 -14.76 3.88 3.74
C ASP A 216 -15.14 5.18 4.44
N ASP A 217 -14.36 6.24 4.24
CA ASP A 217 -14.73 7.56 4.76
C ASP A 217 -16.03 8.02 4.10
N SER A 218 -16.80 8.76 4.88
CA SER A 218 -18.04 9.34 4.40
CA SER A 218 -18.05 9.34 4.39
C SER A 218 -17.76 10.52 3.47
N PRO A 219 -18.69 10.86 2.56
CA PRO A 219 -18.43 12.01 1.66
C PRO A 219 -18.06 13.30 2.38
N GLU A 220 -18.71 13.64 3.49
CA GLU A 220 -18.36 14.88 4.17
C GLU A 220 -16.96 14.80 4.79
N GLU A 221 -16.53 13.60 5.20
CA GLU A 221 -15.16 13.45 5.70
C GLU A 221 -14.14 13.62 4.59
N ILE A 222 -14.43 13.08 3.41
CA ILE A 222 -13.51 13.22 2.29
C ILE A 222 -13.39 14.68 1.90
N ARG A 223 -14.52 15.40 1.82
CA ARG A 223 -14.45 16.80 1.42
C ARG A 223 -13.69 17.62 2.44
N ALA A 224 -13.99 17.42 3.72
CA ALA A 224 -13.34 18.21 4.76
C ALA A 224 -11.84 17.96 4.80
N LYS A 225 -11.43 16.69 4.69
CA LYS A 225 -10.01 16.38 4.79
C LYS A 225 -9.25 16.80 3.53
N ILE A 226 -9.85 16.65 2.36
CA ILE A 226 -9.23 17.20 1.15
C ILE A 226 -9.13 18.72 1.22
N LYS A 227 -10.18 19.40 1.72
CA LYS A 227 -10.20 20.85 1.70
C LYS A 227 -9.06 21.45 2.52
N LYS A 228 -8.71 20.84 3.64
CA LYS A 228 -7.65 21.39 4.47
C LYS A 228 -6.30 20.72 4.23
N ALA A 229 -6.18 19.90 3.20
CA ALA A 229 -4.90 19.25 2.92
C ALA A 229 -3.87 20.26 2.45
N TYR A 230 -2.61 19.90 2.65
CA TYR A 230 -1.50 20.67 2.11
C TYR A 230 -1.55 20.65 0.59
N CYS A 231 -1.53 21.84 -0.01
CA CYS A 231 -1.70 21.93 -1.46
C CYS A 231 -1.35 23.34 -1.93
N PRO A 232 -0.08 23.73 -1.90
CA PRO A 232 0.27 25.09 -2.31
C PRO A 232 0.11 25.26 -3.81
N ALA A 233 -0.30 26.47 -4.21
CA ALA A 233 -0.50 26.77 -5.61
C ALA A 233 0.75 26.52 -6.42
N GLY A 234 0.61 25.78 -7.52
CA GLY A 234 1.69 25.54 -8.44
C GLY A 234 2.73 24.54 -7.97
N VAL A 235 2.53 23.93 -6.81
CA VAL A 235 3.51 23.01 -6.24
C VAL A 235 2.99 21.59 -6.46
N VAL A 236 3.78 20.79 -7.16
CA VAL A 236 3.38 19.42 -7.47
C VAL A 236 4.14 18.41 -6.61
N GLU A 237 5.44 18.62 -6.45
CA GLU A 237 6.25 17.73 -5.63
C GLU A 237 5.78 17.78 -4.17
N GLY A 238 5.53 16.60 -3.59
CA GLY A 238 5.11 16.52 -2.22
C GLY A 238 3.68 16.97 -1.97
N ASN A 239 2.91 17.18 -3.02
CA ASN A 239 1.55 17.66 -2.91
C ASN A 239 0.60 16.46 -2.91
N PRO A 240 0.00 16.10 -1.78
CA PRO A 240 -0.80 14.86 -1.74
C PRO A 240 -2.05 14.93 -2.61
N ILE A 241 -2.57 16.12 -2.88
CA ILE A 241 -3.72 16.21 -3.76
C ILE A 241 -3.34 15.84 -5.19
N MET A 242 -2.14 16.26 -5.63
CA MET A 242 -1.68 15.86 -6.96
C MET A 242 -1.35 14.38 -7.01
N GLU A 243 -0.79 13.81 -5.93
CA GLU A 243 -0.53 12.38 -5.93
C GLU A 243 -1.82 11.59 -6.06
N ILE A 244 -2.87 12.01 -5.35
CA ILE A 244 -4.17 11.33 -5.45
C ILE A 244 -4.70 11.45 -6.87
N ALA A 245 -4.55 12.62 -7.49
CA ALA A 245 -4.99 12.77 -8.87
C ALA A 245 -4.20 11.87 -9.81
N LYS A 246 -2.91 11.70 -9.54
CA LYS A 246 -2.09 10.83 -10.38
C LYS A 246 -2.53 9.38 -10.27
N TYR A 247 -2.71 8.89 -9.03
CA TYR A 247 -2.80 7.46 -8.80
C TYR A 247 -4.20 6.89 -8.76
N PHE A 248 -5.23 7.71 -8.53
CA PHE A 248 -6.57 7.17 -8.35
C PHE A 248 -7.60 7.68 -9.32
N LEU A 249 -7.43 8.86 -9.88
CA LEU A 249 -8.51 9.41 -10.67
C LEU A 249 -8.51 8.83 -12.08
N GLU A 250 -9.67 8.93 -12.72
CA GLU A 250 -9.85 8.44 -14.07
C GLU A 250 -9.87 9.62 -15.04
N TYR A 251 -9.17 9.46 -16.16
CA TYR A 251 -9.08 10.51 -17.18
C TYR A 251 -9.65 10.02 -18.51
N PRO A 252 -10.22 10.92 -19.34
CA PRO A 252 -10.34 12.36 -19.11
C PRO A 252 -11.34 12.71 -18.01
N LEU A 253 -11.16 13.86 -17.36
CA LEU A 253 -12.15 14.37 -16.43
C LEU A 253 -12.30 15.87 -16.66
N THR A 254 -13.47 16.39 -16.28
CA THR A 254 -13.75 17.82 -16.35
C THR A 254 -13.77 18.37 -14.93
N ILE A 255 -13.06 19.48 -14.73
CA ILE A 255 -13.04 20.18 -13.45
C ILE A 255 -14.06 21.29 -13.53
N LYS A 256 -15.06 21.24 -12.65
CA LYS A 256 -16.12 22.24 -12.65
C LYS A 256 -15.62 23.53 -12.02
N ARG A 257 -15.80 24.64 -12.75
CA ARG A 257 -15.41 25.97 -12.28
C ARG A 257 -16.52 26.97 -12.59
N PRO A 258 -16.69 27.98 -11.75
CA PRO A 258 -17.56 29.09 -12.09
C PRO A 258 -17.04 29.85 -13.31
N GLU A 259 -17.88 30.76 -13.82
CA GLU A 259 -17.57 31.43 -15.07
C GLU A 259 -16.46 32.47 -14.91
N LYS A 260 -16.37 33.11 -13.73
CA LYS A 260 -15.34 34.13 -13.54
C LYS A 260 -13.94 33.54 -13.58
N PHE A 261 -13.79 32.28 -13.16
CA PHE A 261 -12.48 31.65 -13.03
C PHE A 261 -12.12 30.74 -14.19
N GLY A 262 -12.90 30.78 -15.28
CA GLY A 262 -12.58 30.01 -16.48
C GLY A 262 -13.59 28.94 -16.85
N GLY A 263 -14.67 28.73 -16.09
CA GLY A 263 -15.65 27.72 -16.44
C GLY A 263 -15.09 26.31 -16.40
N ASP A 264 -15.90 25.34 -16.82
CA ASP A 264 -15.47 23.95 -16.81
C ASP A 264 -14.20 23.77 -17.63
N LEU A 265 -13.31 22.91 -17.13
CA LEU A 265 -11.98 22.69 -17.71
C LEU A 265 -11.82 21.19 -17.96
N THR A 266 -11.71 20.81 -19.22
CA THR A 266 -11.55 19.40 -19.57
C THR A 266 -10.08 19.02 -19.56
N VAL A 267 -9.75 17.96 -18.84
CA VAL A 267 -8.37 17.54 -18.62
C VAL A 267 -8.21 16.14 -19.20
N ASN A 268 -7.35 16.00 -20.21
CA ASN A 268 -7.25 14.74 -20.93
C ASN A 268 -6.50 13.68 -20.13
N SER A 269 -5.62 14.10 -19.22
CA SER A 269 -4.75 13.17 -18.51
C SER A 269 -4.20 13.83 -17.26
N TYR A 270 -3.52 13.02 -16.44
CA TYR A 270 -2.82 13.58 -15.30
C TYR A 270 -1.76 14.57 -15.74
N GLU A 271 -1.08 14.29 -16.84
CA GLU A 271 -0.03 15.17 -17.31
C GLU A 271 -0.58 16.54 -17.70
N GLU A 272 -1.77 16.58 -18.30
CA GLU A 272 -2.38 17.89 -18.58
C GLU A 272 -2.76 18.58 -17.29
N LEU A 273 -3.33 17.83 -16.33
CA LEU A 273 -3.64 18.39 -15.02
C LEU A 273 -2.40 18.97 -14.36
N GLU A 274 -1.28 18.27 -14.47
CA GLU A 274 -0.02 18.75 -13.90
C GLU A 274 0.42 20.04 -14.58
N SER A 275 0.34 20.09 -15.92
CA SER A 275 0.73 21.30 -16.63
C SER A 275 -0.10 22.49 -16.18
N LEU A 276 -1.41 22.27 -15.99
CA LEU A 276 -2.29 23.36 -15.61
C LEU A 276 -2.03 23.83 -14.17
N PHE A 277 -1.70 22.91 -13.27
CA PHE A 277 -1.43 23.31 -11.89
C PHE A 277 -0.10 24.04 -11.77
N LYS A 278 0.96 23.51 -12.41
CA LYS A 278 2.26 24.17 -12.36
C LYS A 278 2.21 25.59 -12.92
N ASN A 279 1.47 25.78 -14.02
CA ASN A 279 1.37 27.09 -14.65
C ASN A 279 0.33 27.99 -13.98
N LYS A 280 -0.27 27.55 -12.86
CA LYS A 280 -1.27 28.30 -12.10
C LYS A 280 -2.51 28.64 -12.92
N GLU A 281 -2.79 27.89 -13.99
CA GLU A 281 -4.08 27.98 -14.65
C GLU A 281 -5.18 27.29 -13.84
N LEU A 282 -4.81 26.40 -12.94
CA LEU A 282 -5.76 25.67 -12.10
C LEU A 282 -5.47 25.97 -10.64
N HIS A 283 -6.43 26.58 -9.97
CA HIS A 283 -6.27 27.03 -8.59
C HIS A 283 -6.40 25.83 -7.64
N PRO A 284 -5.64 25.83 -6.53
CA PRO A 284 -5.78 24.73 -5.56
C PRO A 284 -7.21 24.46 -5.12
N MET A 285 -8.03 25.51 -4.97
CA MET A 285 -9.41 25.30 -4.53
C MET A 285 -10.18 24.45 -5.52
N ASP A 286 -10.01 24.74 -6.82
CA ASP A 286 -10.70 23.95 -7.84
C ASP A 286 -10.10 22.56 -7.97
N LEU A 287 -8.78 22.44 -7.84
CA LEU A 287 -8.16 21.12 -7.81
C LEU A 287 -8.72 20.28 -6.66
N LYS A 288 -8.82 20.87 -5.47
CA LYS A 288 -9.30 20.12 -4.31
C LYS A 288 -10.76 19.71 -4.48
N ASN A 289 -11.62 20.65 -4.92
CA ASN A 289 -13.01 20.29 -5.14
C ASN A 289 -13.15 19.11 -6.08
N ALA A 290 -12.39 19.12 -7.18
CA ALA A 290 -12.50 18.05 -8.16
C ALA A 290 -11.98 16.74 -7.61
N VAL A 291 -10.83 16.77 -6.91
CA VAL A 291 -10.28 15.54 -6.36
C VAL A 291 -11.24 14.97 -5.33
N ALA A 292 -11.86 15.82 -4.50
CA ALA A 292 -12.77 15.31 -3.50
C ALA A 292 -13.98 14.64 -4.14
N GLU A 293 -14.62 15.32 -5.09
CA GLU A 293 -15.83 14.75 -5.71
C GLU A 293 -15.49 13.51 -6.51
N GLU A 294 -14.35 13.50 -7.20
CA GLU A 294 -13.94 12.29 -7.92
C GLU A 294 -13.64 11.15 -6.97
N LEU A 295 -12.90 11.42 -5.87
CA LEU A 295 -12.61 10.37 -4.92
CA LEU A 295 -12.62 10.38 -4.90
C LEU A 295 -13.90 9.79 -4.33
N ILE A 296 -14.87 10.64 -4.01
CA ILE A 296 -16.15 10.16 -3.50
C ILE A 296 -16.74 9.12 -4.46
N LYS A 297 -16.73 9.42 -5.76
CA LYS A 297 -17.28 8.50 -6.74
C LYS A 297 -16.42 7.24 -6.87
N ILE A 298 -15.09 7.40 -6.86
CA ILE A 298 -14.20 6.24 -6.95
C ILE A 298 -14.42 5.30 -5.77
N LEU A 299 -14.56 5.85 -4.57
CA LEU A 299 -14.61 5.02 -3.37
C LEU A 299 -16.01 4.57 -3.01
N GLU A 300 -17.03 5.18 -3.60
CA GLU A 300 -18.42 4.83 -3.29
C GLU A 300 -18.69 3.33 -3.33
N PRO A 301 -18.29 2.58 -4.37
CA PRO A 301 -18.58 1.13 -4.36
C PRO A 301 -17.98 0.40 -3.18
N ILE A 302 -16.75 0.78 -2.78
CA ILE A 302 -16.15 0.18 -1.59
C ILE A 302 -17.00 0.49 -0.36
N ARG A 303 -17.42 1.75 -0.23
CA ARG A 303 -18.23 2.18 0.91
C ARG A 303 -19.55 1.40 0.96
N LYS A 304 -20.27 1.35 -0.16
CA LYS A 304 -21.60 0.74 -0.10
C LYS A 304 -21.51 -0.77 0.02
N ARG A 305 -20.45 -1.37 -0.53
CA ARG A 305 -20.23 -2.80 -0.33
C ARG A 305 -20.01 -3.11 1.14
N LEU A 306 -19.19 -2.31 1.82
CA LEU A 306 -18.92 -2.54 3.24
C LEU A 306 -20.15 -2.25 4.08
N LEU A 307 -20.90 -1.20 3.73
CA LEU A 307 -22.08 -0.83 4.51
C LEU A 307 -23.13 -1.91 4.47
N GLU A 308 -23.32 -2.54 3.31
CA GLU A 308 -24.30 -3.62 3.20
C GLU A 308 -23.87 -4.84 4.00
N HIS A 309 -22.56 -5.10 4.09
CA HIS A 309 -22.06 -6.13 5.00
C HIS A 309 -22.29 -5.75 6.46
N HIS A 310 -22.01 -4.47 6.81
CA HIS A 310 -22.07 -4.05 8.20
C HIS A 310 -23.47 -4.16 8.78
N HIS A 311 -24.50 -4.01 7.94
CA HIS A 311 -25.86 -4.30 8.38
C HIS A 311 -26.12 -5.79 8.54
N HIS A 312 -25.12 -6.63 8.31
CA HIS A 312 -25.26 -8.09 8.34
C HIS A 312 -26.32 -8.56 7.34
N HIS A 313 -26.49 -7.82 6.25
CA HIS A 313 -27.60 -8.01 5.33
C HIS A 313 -27.43 -7.16 4.08
C1 EDO B . 0.13 1.95 3.59
O1 EDO B . 0.65 2.13 4.90
C2 EDO B . 0.40 0.52 3.14
O2 EDO B . 0.40 0.49 1.71
C1 EDO C . 0.74 -0.22 -20.77
O1 EDO C . 0.05 -1.43 -21.09
C2 EDO C . 0.68 0.05 -19.27
O2 EDO C . -0.70 0.03 -18.84
#